data_3KEJ
#
_entry.id   3KEJ
#
_cell.length_a   120.883
_cell.length_b   96.457
_cell.length_c   36.638
_cell.angle_alpha   90.00
_cell.angle_beta   90.00
_cell.angle_gamma   90.00
#
_symmetry.space_group_name_H-M   'P 21 21 2'
#
loop_
_entity.id
_entity.type
_entity.pdbx_description
1 polymer 'Collagenase 3'
2 non-polymer 'ZINC ION'
3 non-polymer 'CALCIUM ION'
4 non-polymer '4-[(5-{2-[(3-fluorobenzyl)carbamoyl]pyridin-4-yl}-2H-tetrazol-2-yl)methyl]benzoic acid'
5 water water
#
_entity_poly.entity_id   1
_entity_poly.type   'polypeptide(L)'
_entity_poly.pdbx_seq_one_letter_code
;YNVFPRTLKWSKMNLTYRIVNYTPDMTHSEVEKAFKKAFKVWSDVTPLNFTRLHDGIADIMISFGIKEHGDFYPFDGPSG
LLAHAFPPGPNYGGDAHFDDDETWTSSSKGYNLFLVAAHEFGHSLGLDHSKDPGALMFPIYTYTGKSHFMLPDDDVQGIQ
SLYGPGD
;
_entity_poly.pdbx_strand_id   A,B
#
loop_
_chem_comp.id
_chem_comp.type
_chem_comp.name
_chem_comp.formula
3EJ non-polymer '4-[(5-{2-[(3-fluorobenzyl)carbamoyl]pyridin-4-yl}-2H-tetrazol-2-yl)methyl]benzoic acid' 'C22 H17 F N6 O3'
CA non-polymer 'CALCIUM ION' 'Ca 2'
ZN non-polymer 'ZINC ION' 'Zn 2'
#
# COMPACT_ATOMS: atom_id res chain seq x y z
N TYR A 1 20.37 -37.20 26.42
CA TYR A 1 20.49 -36.07 25.44
C TYR A 1 19.16 -35.80 24.74
N ASN A 2 19.13 -34.68 24.00
CA ASN A 2 17.96 -34.28 23.24
C ASN A 2 18.31 -33.80 21.84
N VAL A 3 17.30 -33.78 20.97
CA VAL A 3 17.44 -33.39 19.57
C VAL A 3 16.28 -32.49 19.15
N PHE A 4 16.55 -31.57 18.22
CA PHE A 4 15.52 -30.69 17.70
C PHE A 4 14.53 -31.50 16.85
N PRO A 5 13.26 -31.06 16.76
CA PRO A 5 12.34 -31.73 15.85
C PRO A 5 12.37 -31.14 14.43
N ARG A 6 12.40 -32.00 13.43
CA ARG A 6 12.19 -31.59 12.04
C ARG A 6 10.69 -31.59 11.81
N THR A 7 10.21 -30.52 11.19
CA THR A 7 8.77 -30.17 11.12
C THR A 7 8.43 -29.29 12.31
N LEU A 8 8.25 -28.00 12.04
CA LEU A 8 7.92 -27.05 13.07
C LEU A 8 6.43 -27.10 13.35
N LYS A 9 6.12 -27.45 14.59
CA LYS A 9 4.76 -27.41 15.10
C LYS A 9 4.83 -27.26 16.61
N TRP A 10 3.72 -26.87 17.22
CA TRP A 10 3.65 -26.81 18.68
C TRP A 10 3.45 -28.21 19.27
N SER A 11 4.14 -28.51 20.36
CA SER A 11 4.01 -29.81 21.04
C SER A 11 2.97 -29.75 22.15
N LYS A 12 2.61 -28.54 22.56
CA LYS A 12 1.59 -28.35 23.60
C LYS A 12 0.30 -27.87 22.94
N MET A 13 -0.83 -28.34 23.46
CA MET A 13 -2.15 -28.07 22.86
C MET A 13 -2.82 -26.79 23.37
N ASN A 14 -2.39 -26.29 24.53
CA ASN A 14 -2.96 -25.05 25.09
C ASN A 14 -2.00 -23.88 24.94
N LEU A 15 -2.27 -23.03 23.96
CA LEU A 15 -1.38 -21.94 23.58
C LEU A 15 -1.95 -20.63 24.07
N THR A 16 -1.05 -19.67 24.31
CA THR A 16 -1.45 -18.35 24.77
C THR A 16 -1.10 -17.28 23.76
N TYR A 17 -1.90 -16.23 23.74
CA TYR A 17 -1.59 -15.07 22.92
C TYR A 17 -1.86 -13.79 23.69
N ARG A 18 -1.30 -12.72 23.17
CA ARG A 18 -1.37 -11.40 23.76
C ARG A 18 -1.38 -10.37 22.65
N ILE A 19 -2.35 -9.45 22.71
CA ILE A 19 -2.36 -8.32 21.80
C ILE A 19 -1.57 -7.19 22.44
N VAL A 20 -0.38 -6.93 21.91
CA VAL A 20 0.56 -5.99 22.51
C VAL A 20 0.13 -4.54 22.30
N ASN A 21 -0.54 -4.28 21.19
CA ASN A 21 -1.05 -2.95 20.87
C ASN A 21 -2.12 -3.07 19.80
N TYR A 22 -2.73 -1.94 19.48
CA TYR A 22 -3.97 -1.90 18.69
C TYR A 22 -3.89 -0.90 17.53
N THR A 23 -4.46 -1.28 16.39
CA THR A 23 -4.69 -0.35 15.28
C THR A 23 -5.75 0.70 15.67
N PRO A 24 -5.62 1.93 15.12
CA PRO A 24 -6.66 2.96 15.30
C PRO A 24 -7.97 2.69 14.55
N ASP A 25 -7.92 1.81 13.55
CA ASP A 25 -9.04 1.64 12.61
C ASP A 25 -10.23 0.92 13.22
N MET A 26 -9.99 0.21 14.31
CA MET A 26 -11.05 -0.53 14.95
C MET A 26 -11.06 -0.30 16.44
N THR A 27 -12.20 -0.57 17.04
CA THR A 27 -12.35 -0.59 18.49
C THR A 27 -11.44 -1.68 19.08
N HIS A 28 -10.98 -1.50 20.32
CA HIS A 28 -10.27 -2.56 21.07
C HIS A 28 -11.09 -3.85 20.99
N SER A 29 -12.38 -3.71 21.26
CA SER A 29 -13.37 -4.80 21.27
C SER A 29 -13.46 -5.51 19.91
N GLU A 30 -13.57 -4.74 18.83
CA GLU A 30 -13.61 -5.29 17.47
C GLU A 30 -12.32 -6.04 17.12
N VAL A 31 -11.16 -5.53 17.52
CA VAL A 31 -9.88 -6.23 17.33
C VAL A 31 -9.78 -7.54 18.14
N GLU A 32 -10.23 -7.51 19.38
CA GLU A 32 -10.26 -8.70 20.24
C GLU A 32 -11.17 -9.77 19.66
N LYS A 33 -12.37 -9.38 19.25
CA LYS A 33 -13.31 -10.29 18.58
C LYS A 33 -12.73 -10.88 17.29
N ALA A 34 -12.06 -10.07 16.48
CA ALA A 34 -11.46 -10.53 15.23
C ALA A 34 -10.38 -11.61 15.43
N PHE A 35 -9.48 -11.38 16.39
CA PHE A 35 -8.41 -12.34 16.66
C PHE A 35 -8.97 -13.61 17.30
N LYS A 36 -10.01 -13.46 18.10
CA LYS A 36 -10.66 -14.59 18.74
C LYS A 36 -11.38 -15.48 17.70
N LYS A 37 -12.04 -14.84 16.74
CA LYS A 37 -12.65 -15.54 15.60
C LYS A 37 -11.60 -16.30 14.80
N ALA A 38 -10.47 -15.65 14.55
CA ALA A 38 -9.34 -16.21 13.78
C ALA A 38 -8.71 -17.44 14.43
N PHE A 39 -8.58 -17.41 15.75
CA PHE A 39 -8.13 -18.57 16.51
C PHE A 39 -9.19 -19.68 16.50
N LYS A 40 -10.47 -19.32 16.58
CA LYS A 40 -11.54 -20.33 16.55
C LYS A 40 -11.60 -21.12 15.23
N VAL A 41 -11.25 -20.49 14.11
CA VAL A 41 -11.08 -21.18 12.85
C VAL A 41 -10.17 -22.40 13.05
N TRP A 42 -9.05 -22.21 13.75
CA TRP A 42 -8.07 -23.28 13.94
C TRP A 42 -8.39 -24.25 15.08
N SER A 43 -8.96 -23.76 16.17
CA SER A 43 -9.35 -24.65 17.26
C SER A 43 -10.53 -25.57 16.89
N ASP A 44 -11.36 -25.14 15.94
CA ASP A 44 -12.47 -25.97 15.43
C ASP A 44 -12.04 -27.17 14.57
N VAL A 45 -10.85 -27.13 14.00
CA VAL A 45 -10.34 -28.21 13.14
C VAL A 45 -9.11 -28.96 13.70
N THR A 46 -8.74 -28.66 14.95
CA THR A 46 -7.58 -29.25 15.65
C THR A 46 -7.87 -29.38 17.16
N PRO A 47 -7.02 -30.11 17.90
CA PRO A 47 -7.13 -30.12 19.36
C PRO A 47 -6.53 -28.89 20.08
N LEU A 48 -6.01 -27.92 19.33
CA LEU A 48 -5.45 -26.72 19.94
C LEU A 48 -6.52 -25.84 20.59
N ASN A 49 -6.16 -25.24 21.72
CA ASN A 49 -6.95 -24.18 22.34
C ASN A 49 -6.10 -22.95 22.55
N PHE A 50 -6.73 -21.78 22.49
CA PHE A 50 -6.04 -20.49 22.56
C PHE A 50 -6.64 -19.62 23.67
N THR A 51 -5.77 -19.17 24.59
CA THR A 51 -6.15 -18.36 25.71
C THR A 51 -5.41 -17.01 25.62
N ARG A 52 -6.10 -15.95 26.00
CA ARG A 52 -5.58 -14.60 25.87
C ARG A 52 -4.95 -14.10 27.19
N LEU A 53 -3.74 -13.55 27.08
CA LEU A 53 -3.06 -12.92 28.21
C LEU A 53 -3.06 -11.40 28.08
N HIS A 54 -3.22 -10.71 29.20
CA HIS A 54 -3.26 -9.25 29.27
C HIS A 54 -1.87 -8.63 29.51
N ASP A 55 -0.99 -9.40 30.14
CA ASP A 55 0.41 -9.02 30.31
C ASP A 55 1.33 -10.21 30.04
N GLY A 56 2.64 -9.99 30.14
CA GLY A 56 3.61 -11.07 30.15
C GLY A 56 3.96 -11.60 28.78
N ILE A 57 4.75 -12.66 28.75
CA ILE A 57 5.16 -13.28 27.51
C ILE A 57 4.18 -14.39 27.17
N ALA A 58 3.56 -14.26 26.02
CA ALA A 58 2.67 -15.28 25.47
C ALA A 58 3.38 -16.04 24.35
N ASP A 59 2.86 -17.23 24.01
CA ASP A 59 3.39 -18.03 22.92
C ASP A 59 3.27 -17.29 21.59
N ILE A 60 2.14 -16.63 21.39
CA ILE A 60 1.88 -15.84 20.19
C ILE A 60 1.69 -14.38 20.59
N MET A 61 2.73 -13.56 20.37
CA MET A 61 2.64 -12.10 20.60
C MET A 61 2.16 -11.39 19.33
N ILE A 62 1.04 -10.71 19.45
CA ILE A 62 0.42 -10.02 18.33
C ILE A 62 0.68 -8.52 18.43
N SER A 63 1.19 -7.91 17.36
CA SER A 63 1.33 -6.46 17.32
C SER A 63 1.14 -5.83 15.94
N PHE A 64 0.93 -4.52 15.97
CA PHE A 64 0.84 -3.66 14.80
C PHE A 64 2.06 -2.77 14.69
N GLY A 65 2.56 -2.62 13.48
CA GLY A 65 3.70 -1.77 13.21
C GLY A 65 3.69 -1.31 11.78
N ILE A 66 4.57 -0.36 11.47
CA ILE A 66 4.74 0.11 10.11
C ILE A 66 6.22 0.05 9.75
N LYS A 67 6.47 -0.06 8.45
CA LYS A 67 7.82 -0.03 7.92
C LYS A 67 8.74 -0.96 8.73
N GLU A 68 9.91 -0.49 9.15
CA GLU A 68 10.80 -1.23 10.04
C GLU A 68 10.19 -1.25 11.42
N HIS A 69 9.96 -2.45 11.95
CA HIS A 69 9.34 -2.58 13.27
C HIS A 69 10.02 -3.62 14.17
N GLY A 70 11.24 -4.02 13.84
CA GLY A 70 12.09 -4.82 14.74
C GLY A 70 12.41 -6.26 14.30
N ASP A 71 12.44 -6.50 13.01
CA ASP A 71 12.83 -7.80 12.46
C ASP A 71 13.23 -7.64 10.99
N PHE A 72 13.42 -8.74 10.27
CA PHE A 72 13.89 -8.68 8.87
C PHE A 72 12.75 -8.66 7.84
N TYR A 73 11.52 -8.46 8.31
CA TYR A 73 10.34 -8.39 7.43
C TYR A 73 9.68 -7.01 7.46
N PRO A 74 10.41 -5.97 7.01
CA PRO A 74 9.81 -4.65 7.04
C PRO A 74 8.52 -4.57 6.19
N PHE A 75 7.56 -3.81 6.68
CA PHE A 75 6.36 -3.50 5.92
C PHE A 75 6.65 -2.38 4.92
N ASP A 76 5.65 -2.11 4.08
CA ASP A 76 5.86 -1.38 2.83
C ASP A 76 4.77 -0.33 2.53
N GLY A 77 4.07 0.15 3.55
CA GLY A 77 2.94 1.06 3.34
C GLY A 77 1.66 0.34 2.95
N PRO A 78 0.64 1.08 2.48
CA PRO A 78 -0.66 0.51 2.05
C PRO A 78 -0.57 -0.59 0.95
N SER A 79 -1.39 -1.62 1.07
CA SER A 79 -1.33 -2.83 0.21
C SER A 79 0.04 -3.53 0.31
N GLY A 80 0.43 -4.29 -0.73
CA GLY A 80 1.61 -5.13 -0.68
C GLY A 80 1.50 -6.10 0.48
N LEU A 81 2.54 -6.15 1.31
CA LEU A 81 2.56 -6.99 2.50
C LEU A 81 1.58 -6.48 3.56
N LEU A 82 0.69 -7.36 4.01
CA LEU A 82 -0.36 -6.98 4.96
C LEU A 82 0.03 -7.32 6.39
N ALA A 83 0.80 -8.40 6.51
CA ALA A 83 1.14 -9.00 7.78
C ALA A 83 2.17 -10.10 7.53
N HIS A 84 2.78 -10.58 8.61
CA HIS A 84 3.57 -11.79 8.55
C HIS A 84 3.61 -12.38 9.95
N ALA A 85 4.04 -13.65 10.03
CA ALA A 85 4.10 -14.38 11.27
C ALA A 85 5.33 -15.30 11.27
N PHE A 86 5.85 -15.58 12.44
CA PHE A 86 6.95 -16.51 12.59
C PHE A 86 6.39 -17.91 12.84
N PRO A 87 7.06 -18.95 12.30
CA PRO A 87 6.65 -20.33 12.58
C PRO A 87 6.83 -20.73 14.04
N PRO A 88 6.22 -21.86 14.46
CA PRO A 88 6.29 -22.37 15.83
C PRO A 88 7.70 -22.52 16.37
N GLY A 89 7.86 -22.21 17.66
CA GLY A 89 9.18 -22.28 18.30
C GLY A 89 9.27 -21.31 19.46
N PRO A 90 10.39 -21.35 20.20
CA PRO A 90 10.60 -20.41 21.31
C PRO A 90 10.91 -19.00 20.79
N ASN A 91 11.27 -18.09 21.69
CA ASN A 91 11.63 -16.72 21.31
C ASN A 91 10.51 -16.02 20.53
N TYR A 92 10.73 -15.71 19.24
CA TYR A 92 9.73 -14.98 18.43
C TYR A 92 8.78 -15.91 17.73
N GLY A 93 8.98 -17.22 17.88
CA GLY A 93 8.12 -18.19 17.23
C GLY A 93 6.66 -17.91 17.56
N GLY A 94 5.81 -17.97 16.54
CA GLY A 94 4.40 -17.73 16.69
C GLY A 94 3.94 -16.28 16.59
N ASP A 95 4.86 -15.32 16.72
CA ASP A 95 4.44 -13.92 16.78
C ASP A 95 3.86 -13.50 15.43
N ALA A 96 2.83 -12.66 15.49
CA ALA A 96 2.13 -12.22 14.31
C ALA A 96 2.15 -10.69 14.29
N HIS A 97 2.66 -10.13 13.20
CA HIS A 97 2.77 -8.68 13.02
C HIS A 97 1.84 -8.21 11.90
N PHE A 98 1.12 -7.13 12.16
CA PHE A 98 0.18 -6.57 11.21
C PHE A 98 0.61 -5.15 10.83
N ASP A 99 0.56 -4.87 9.52
CA ASP A 99 0.98 -3.60 8.96
C ASP A 99 -0.09 -2.56 9.31
N ASP A 100 0.29 -1.54 10.09
CA ASP A 100 -0.68 -0.53 10.48
C ASP A 100 -0.81 0.59 9.44
N ASP A 101 -0.20 0.42 8.28
CA ASP A 101 -0.49 1.26 7.11
C ASP A 101 -1.62 0.69 6.24
N GLU A 102 -2.26 -0.39 6.69
CA GLU A 102 -3.50 -0.86 6.04
C GLU A 102 -4.71 -0.25 6.73
N THR A 103 -5.82 -0.19 6.00
CA THR A 103 -7.11 0.11 6.60
C THR A 103 -7.77 -1.18 7.07
N TRP A 104 -7.73 -1.44 8.37
CA TRP A 104 -8.31 -2.65 8.93
C TRP A 104 -9.80 -2.51 9.21
N THR A 105 -10.56 -3.52 8.85
CA THR A 105 -12.01 -3.49 8.97
C THR A 105 -12.56 -4.85 9.41
N SER A 106 -13.85 -4.84 9.75
CA SER A 106 -14.64 -6.05 9.96
C SER A 106 -15.60 -6.24 8.79
N SER A 107 -15.18 -5.90 7.57
CA SER A 107 -16.10 -5.89 6.42
C SER A 107 -15.38 -6.23 5.11
N SER A 108 -16.07 -6.03 3.99
CA SER A 108 -15.48 -6.22 2.67
C SER A 108 -14.62 -5.02 2.21
N LYS A 109 -14.63 -3.95 3.00
CA LYS A 109 -13.83 -2.75 2.70
C LYS A 109 -12.42 -2.91 3.27
N GLY A 110 -11.44 -2.29 2.63
CA GLY A 110 -10.04 -2.38 3.04
C GLY A 110 -9.57 -3.81 3.18
N TYR A 111 -8.86 -4.11 4.27
CA TYR A 111 -8.48 -5.49 4.59
C TYR A 111 -9.18 -5.94 5.85
N ASN A 112 -9.86 -7.08 5.74
CA ASN A 112 -10.56 -7.70 6.85
C ASN A 112 -9.56 -8.29 7.82
N LEU A 113 -9.55 -7.79 9.05
CA LEU A 113 -8.55 -8.18 10.04
C LEU A 113 -8.69 -9.66 10.40
N PHE A 114 -9.93 -10.10 10.65
CA PHE A 114 -10.18 -11.50 10.95
C PHE A 114 -9.55 -12.41 9.90
N LEU A 115 -9.78 -12.09 8.63
CA LEU A 115 -9.32 -12.93 7.52
C LEU A 115 -7.79 -13.02 7.45
N VAL A 116 -7.14 -11.86 7.52
CA VAL A 116 -5.68 -11.80 7.51
C VAL A 116 -5.11 -12.48 8.75
N ALA A 117 -5.75 -12.27 9.90
CA ALA A 117 -5.33 -12.94 11.15
C ALA A 117 -5.48 -14.47 11.02
N ALA A 118 -6.62 -14.93 10.48
CA ALA A 118 -6.80 -16.37 10.25
C ALA A 118 -5.63 -16.95 9.45
N HIS A 119 -5.27 -16.23 8.40
CA HIS A 119 -4.17 -16.62 7.52
C HIS A 119 -2.82 -16.64 8.26
N GLU A 120 -2.49 -15.54 8.93
CA GLU A 120 -1.22 -15.44 9.66
C GLU A 120 -1.11 -16.40 10.83
N PHE A 121 -2.21 -16.63 11.53
CA PHE A 121 -2.19 -17.64 12.60
C PHE A 121 -1.93 -19.02 12.02
N GLY A 122 -2.31 -19.26 10.77
CA GLY A 122 -1.88 -20.47 10.04
C GLY A 122 -0.37 -20.64 10.01
N HIS A 123 0.34 -19.57 9.69
CA HIS A 123 1.80 -19.55 9.75
C HIS A 123 2.32 -19.77 11.17
N SER A 124 1.69 -19.09 12.13
CA SER A 124 2.03 -19.26 13.55
C SER A 124 1.96 -20.73 13.99
N LEU A 125 1.03 -21.48 13.41
CA LEU A 125 0.83 -22.89 13.73
C LEU A 125 1.68 -23.87 12.89
N GLY A 126 2.29 -23.37 11.82
CA GLY A 126 3.26 -24.12 11.02
C GLY A 126 2.90 -24.39 9.57
N LEU A 127 1.84 -23.74 9.07
CA LEU A 127 1.46 -23.92 7.67
C LEU A 127 2.20 -22.91 6.80
N ASP A 128 2.65 -23.36 5.63
CA ASP A 128 3.24 -22.46 4.65
C ASP A 128 2.14 -22.04 3.65
N HIS A 129 2.52 -21.26 2.66
CA HIS A 129 1.60 -20.88 1.59
C HIS A 129 1.15 -22.03 0.70
N SER A 130 -0.11 -21.95 0.26
CA SER A 130 -0.70 -22.91 -0.65
C SER A 130 -0.64 -22.37 -2.10
N LYS A 131 -0.62 -23.27 -3.07
CA LYS A 131 -0.66 -22.94 -4.51
C LYS A 131 -2.09 -22.81 -5.04
N ASP A 132 -3.07 -23.18 -4.22
CA ASP A 132 -4.48 -23.17 -4.58
C ASP A 132 -5.05 -21.76 -4.36
N PRO A 133 -5.51 -21.10 -5.44
CA PRO A 133 -6.00 -19.71 -5.29
C PRO A 133 -7.25 -19.56 -4.42
N GLY A 134 -8.01 -20.64 -4.23
CA GLY A 134 -9.14 -20.63 -3.30
C GLY A 134 -8.77 -20.80 -1.82
N ALA A 135 -7.52 -21.14 -1.54
CA ALA A 135 -7.09 -21.47 -0.17
C ALA A 135 -6.94 -20.24 0.73
N LEU A 136 -7.22 -20.45 2.02
CA LEU A 136 -6.91 -19.44 3.04
C LEU A 136 -5.43 -19.10 3.05
N MET A 137 -4.59 -20.11 2.83
CA MET A 137 -3.15 -19.95 2.89
C MET A 137 -2.51 -19.56 1.55
N PHE A 138 -3.34 -19.21 0.56
CA PHE A 138 -2.84 -18.62 -0.68
C PHE A 138 -2.19 -17.30 -0.30
N PRO A 139 -1.03 -16.96 -0.90
CA PRO A 139 -0.32 -15.80 -0.41
C PRO A 139 -0.98 -14.44 -0.68
N ILE A 140 -1.96 -14.38 -1.60
CA ILE A 140 -2.60 -13.11 -2.00
C ILE A 140 -4.05 -13.00 -1.48
N TYR A 141 -4.32 -11.90 -0.78
CA TYR A 141 -5.64 -11.61 -0.22
C TYR A 141 -6.68 -11.46 -1.32
N THR A 142 -7.73 -12.24 -1.25
CA THR A 142 -8.76 -12.22 -2.26
C THR A 142 -10.09 -12.50 -1.57
N TYR A 143 -10.71 -11.42 -1.08
CA TYR A 143 -12.01 -11.48 -0.41
C TYR A 143 -13.06 -12.03 -1.38
N THR A 144 -13.66 -13.17 -1.05
CA THR A 144 -14.66 -13.82 -1.94
C THR A 144 -16.01 -13.13 -1.87
N GLY A 145 -16.30 -12.49 -0.75
CA GLY A 145 -17.57 -11.79 -0.59
C GLY A 145 -18.74 -12.74 -0.46
N LYS A 146 -18.48 -13.89 0.15
CA LYS A 146 -19.53 -14.78 0.59
C LYS A 146 -20.06 -14.28 1.92
N SER A 147 -21.26 -14.73 2.27
CA SER A 147 -21.92 -14.37 3.52
C SER A 147 -21.11 -14.80 4.74
N HIS A 148 -20.80 -16.09 4.85
CA HIS A 148 -20.07 -16.62 5.99
C HIS A 148 -18.73 -17.22 5.57
N PHE A 149 -17.79 -17.24 6.52
CA PHE A 149 -16.46 -17.84 6.33
C PHE A 149 -16.49 -19.35 6.53
N MET A 150 -15.94 -20.08 5.56
CA MET A 150 -15.77 -21.52 5.65
C MET A 150 -14.31 -21.83 5.36
N LEU A 151 -13.65 -22.58 6.23
CA LEU A 151 -12.24 -22.94 6.01
C LEU A 151 -12.15 -23.89 4.80
N PRO A 152 -11.44 -23.49 3.74
CA PRO A 152 -11.34 -24.39 2.59
C PRO A 152 -10.59 -25.68 2.90
N ASP A 153 -10.95 -26.75 2.19
CA ASP A 153 -10.44 -28.09 2.46
C ASP A 153 -8.91 -28.19 2.43
N ASP A 154 -8.27 -27.47 1.51
CA ASP A 154 -6.80 -27.43 1.37
C ASP A 154 -6.12 -27.13 2.70
N ASP A 155 -6.69 -26.19 3.44
CA ASP A 155 -6.11 -25.72 4.71
C ASP A 155 -6.44 -26.70 5.84
N VAL A 156 -7.58 -27.40 5.73
CA VAL A 156 -7.93 -28.43 6.70
C VAL A 156 -6.95 -29.60 6.61
N GLN A 157 -6.66 -30.06 5.39
CA GLN A 157 -5.73 -31.17 5.22
C GLN A 157 -4.33 -30.78 5.73
N GLY A 158 -3.88 -29.59 5.35
CA GLY A 158 -2.61 -29.04 5.82
C GLY A 158 -2.49 -29.02 7.33
N ILE A 159 -3.48 -28.45 8.01
CA ILE A 159 -3.44 -28.35 9.46
C ILE A 159 -3.57 -29.72 10.14
N GLN A 160 -4.35 -30.61 9.55
CA GLN A 160 -4.52 -31.96 10.08
C GLN A 160 -3.26 -32.83 9.91
N SER A 161 -2.41 -32.52 8.92
CA SER A 161 -1.15 -33.25 8.79
C SER A 161 -0.18 -32.87 9.92
N LEU A 162 -0.35 -31.68 10.50
CA LEU A 162 0.47 -31.26 11.64
C LEU A 162 -0.12 -31.68 12.99
N TYR A 163 -1.43 -31.54 13.17
CA TYR A 163 -2.05 -31.72 14.50
C TYR A 163 -3.09 -32.82 14.56
N THR B 7 18.12 27.55 -20.98
CA THR B 7 17.05 27.01 -20.08
C THR B 7 15.93 26.28 -20.83
N LEU B 8 15.65 25.03 -20.46
CA LEU B 8 14.58 24.24 -21.07
C LEU B 8 13.19 24.71 -20.63
N LYS B 9 12.34 24.99 -21.63
CA LYS B 9 10.95 25.33 -21.40
C LYS B 9 10.20 25.15 -22.70
N TRP B 10 8.88 25.01 -22.61
CA TRP B 10 8.03 24.95 -23.79
C TRP B 10 8.01 26.30 -24.49
N SER B 11 8.18 26.27 -25.81
CA SER B 11 8.22 27.49 -26.61
C SER B 11 6.81 27.93 -27.04
N LYS B 12 5.80 27.27 -26.50
CA LYS B 12 4.41 27.61 -26.77
C LYS B 12 3.66 27.66 -25.44
N MET B 13 2.63 28.49 -25.37
CA MET B 13 1.86 28.66 -24.13
C MET B 13 0.68 27.69 -24.06
N ASN B 14 0.24 27.18 -25.21
CA ASN B 14 -0.85 26.22 -25.25
C ASN B 14 -0.30 24.81 -25.46
N LEU B 15 -0.43 24.01 -24.40
CA LEU B 15 0.07 22.66 -24.39
C LEU B 15 -1.10 21.68 -24.35
N THR B 16 -0.90 20.49 -24.89
CA THR B 16 -1.92 19.45 -24.82
C THR B 16 -1.46 18.33 -23.88
N TYR B 17 -2.44 17.62 -23.34
CA TYR B 17 -2.16 16.41 -22.61
C TYR B 17 -3.15 15.33 -22.98
N ARG B 18 -2.75 14.08 -22.72
CA ARG B 18 -3.61 12.93 -22.93
C ARG B 18 -3.43 11.96 -21.76
N ILE B 19 -4.55 11.46 -21.24
CA ILE B 19 -4.52 10.40 -20.24
C ILE B 19 -4.67 9.08 -20.98
N VAL B 20 -3.55 8.41 -21.17
CA VAL B 20 -3.48 7.20 -22.00
C VAL B 20 -4.21 6.04 -21.36
N ASN B 21 -4.05 5.88 -20.05
CA ASN B 21 -4.74 4.83 -19.29
C ASN B 21 -4.95 5.27 -17.85
N TYR B 22 -5.62 4.41 -17.08
CA TYR B 22 -6.13 4.76 -15.78
C TYR B 22 -5.83 3.68 -14.74
N THR B 23 -5.59 4.14 -13.51
CA THR B 23 -5.39 3.26 -12.37
C THR B 23 -6.72 2.65 -11.93
N PRO B 24 -6.70 1.40 -11.40
CA PRO B 24 -7.88 0.82 -10.80
C PRO B 24 -8.26 1.46 -9.45
N ASP B 25 -7.35 2.21 -8.84
CA ASP B 25 -7.55 2.75 -7.49
C ASP B 25 -8.65 3.80 -7.43
N MET B 26 -8.93 4.45 -8.55
CA MET B 26 -9.86 5.56 -8.60
C MET B 26 -10.80 5.48 -9.80
N THR B 27 -11.93 6.16 -9.70
CA THR B 27 -12.84 6.32 -10.82
C THR B 27 -12.18 7.15 -11.95
N HIS B 28 -12.59 6.90 -13.20
CA HIS B 28 -12.18 7.71 -14.35
C HIS B 28 -12.37 9.19 -14.05
N SER B 29 -13.59 9.51 -13.62
CA SER B 29 -13.97 10.83 -13.15
C SER B 29 -12.94 11.44 -12.18
N GLU B 30 -12.66 10.73 -11.09
CA GLU B 30 -11.69 11.16 -10.06
C GLU B 30 -10.28 11.38 -10.62
N VAL B 31 -9.83 10.48 -11.50
CA VAL B 31 -8.52 10.62 -12.14
C VAL B 31 -8.48 11.86 -13.03
N GLU B 32 -9.52 12.04 -13.83
CA GLU B 32 -9.64 13.18 -14.73
C GLU B 32 -9.64 14.51 -13.96
N LYS B 33 -10.42 14.59 -12.89
CA LYS B 33 -10.45 15.78 -12.03
C LYS B 33 -9.11 16.12 -11.40
N ALA B 34 -8.42 15.09 -10.88
CA ALA B 34 -7.11 15.26 -10.25
C ALA B 34 -6.09 15.89 -11.19
N PHE B 35 -5.95 15.30 -12.38
CA PHE B 35 -5.03 15.81 -13.40
C PHE B 35 -5.38 17.20 -13.88
N LYS B 36 -6.68 17.48 -13.98
CA LYS B 36 -7.18 18.79 -14.38
C LYS B 36 -6.88 19.83 -13.31
N LYS B 37 -7.11 19.47 -12.05
CA LYS B 37 -6.71 20.33 -10.93
C LYS B 37 -5.20 20.55 -10.87
N ALA B 38 -4.42 19.51 -11.12
CA ALA B 38 -2.96 19.60 -11.17
C ALA B 38 -2.41 20.59 -12.21
N PHE B 39 -3.03 20.60 -13.39
CA PHE B 39 -2.67 21.56 -14.44
C PHE B 39 -3.10 22.98 -14.09
N LYS B 40 -4.26 23.09 -13.44
CA LYS B 40 -4.78 24.39 -13.03
C LYS B 40 -3.85 25.05 -12.01
N VAL B 41 -3.07 24.26 -11.28
CA VAL B 41 -2.07 24.78 -10.37
C VAL B 41 -1.08 25.67 -11.09
N TRP B 42 -0.63 25.22 -12.26
CA TRP B 42 0.38 25.94 -13.02
C TRP B 42 -0.20 27.00 -13.96
N SER B 43 -1.40 26.75 -14.49
CA SER B 43 -2.09 27.74 -15.32
C SER B 43 -2.60 28.95 -14.54
N ASP B 44 -2.87 28.80 -13.24
CA ASP B 44 -3.34 29.91 -12.40
C ASP B 44 -2.25 30.94 -12.04
N VAL B 45 -0.98 30.59 -12.24
CA VAL B 45 0.15 31.49 -11.92
C VAL B 45 1.04 31.87 -13.15
N THR B 46 0.67 31.37 -14.33
CA THR B 46 1.39 31.59 -15.59
C THR B 46 0.39 31.81 -16.72
N PRO B 47 0.87 32.25 -17.90
CA PRO B 47 0.03 32.30 -19.11
C PRO B 47 -0.21 30.95 -19.82
N LEU B 48 0.21 29.83 -19.19
CA LEU B 48 0.05 28.52 -19.81
C LEU B 48 -1.40 28.07 -19.73
N ASN B 49 -1.84 27.36 -20.78
CA ASN B 49 -3.16 26.75 -20.84
C ASN B 49 -3.00 25.32 -21.38
N PHE B 50 -3.88 24.43 -20.90
CA PHE B 50 -3.76 22.99 -21.11
C PHE B 50 -5.06 22.45 -21.70
N THR B 51 -4.92 21.72 -22.80
CA THR B 51 -6.04 21.16 -23.55
C THR B 51 -5.92 19.64 -23.51
N ARG B 52 -7.00 18.97 -23.17
CA ARG B 52 -7.00 17.52 -23.13
C ARG B 52 -7.28 16.93 -24.50
N LEU B 53 -6.40 16.04 -24.96
CA LEU B 53 -6.68 15.22 -26.12
C LEU B 53 -7.14 13.84 -25.63
N HIS B 54 -8.14 13.28 -26.32
CA HIS B 54 -8.64 11.95 -25.99
C HIS B 54 -7.97 10.85 -26.81
N ASP B 55 -7.27 11.23 -27.88
CA ASP B 55 -6.44 10.30 -28.64
C ASP B 55 -5.24 11.00 -29.22
N GLY B 56 -4.29 10.23 -29.74
CA GLY B 56 -3.12 10.75 -30.43
C GLY B 56 -1.97 11.16 -29.53
N ILE B 57 -1.02 11.88 -30.11
CA ILE B 57 0.18 12.32 -29.39
C ILE B 57 -0.03 13.73 -28.89
N ALA B 58 0.01 13.89 -27.57
CA ALA B 58 -0.06 15.20 -26.91
C ALA B 58 1.34 15.58 -26.45
N ASP B 59 1.51 16.84 -26.07
CA ASP B 59 2.80 17.34 -25.57
C ASP B 59 3.16 16.60 -24.27
N ILE B 60 2.14 16.35 -23.45
CA ILE B 60 2.30 15.68 -22.17
C ILE B 60 1.46 14.39 -22.15
N MET B 61 2.14 13.24 -22.23
CA MET B 61 1.47 11.94 -22.20
C MET B 61 1.52 11.35 -20.79
N ILE B 62 0.34 11.06 -20.26
CA ILE B 62 0.16 10.59 -18.91
C ILE B 62 -0.27 9.13 -18.90
N SER B 63 0.49 8.31 -18.19
CA SER B 63 0.19 6.88 -18.10
C SER B 63 0.55 6.31 -16.73
N PHE B 64 -0.09 5.19 -16.42
CA PHE B 64 0.19 4.40 -15.24
C PHE B 64 0.86 3.11 -15.69
N GLY B 65 1.94 2.73 -15.02
CA GLY B 65 2.62 1.47 -15.32
C GLY B 65 3.31 0.86 -14.11
N ILE B 66 3.71 -0.40 -14.23
CA ILE B 66 4.41 -1.07 -13.16
C ILE B 66 5.75 -1.54 -13.68
N LYS B 67 6.74 -1.59 -12.78
CA LYS B 67 8.09 -2.09 -13.11
C LYS B 67 8.60 -1.43 -14.40
N GLU B 68 9.21 -2.21 -15.30
CA GLU B 68 9.66 -1.71 -16.60
C GLU B 68 8.43 -1.47 -17.48
N HIS B 69 8.27 -0.24 -17.93
CA HIS B 69 7.04 0.17 -18.60
C HIS B 69 7.31 0.95 -19.88
N GLY B 70 8.52 0.81 -20.41
CA GLY B 70 8.85 1.31 -21.73
C GLY B 70 9.83 2.46 -21.87
N ASP B 71 10.48 2.90 -20.79
CA ASP B 71 11.49 3.97 -20.90
C ASP B 71 12.86 3.65 -20.28
N PHE B 72 13.03 2.41 -19.82
CA PHE B 72 14.25 1.97 -19.12
C PHE B 72 14.55 2.72 -17.78
N TYR B 73 13.54 3.41 -17.24
CA TYR B 73 13.54 3.89 -15.86
C TYR B 73 12.44 3.12 -15.12
N PRO B 74 12.73 1.87 -14.70
CA PRO B 74 11.66 1.06 -14.13
C PRO B 74 11.15 1.58 -12.76
N PHE B 75 9.86 1.40 -12.50
CA PHE B 75 9.31 1.59 -11.17
C PHE B 75 9.69 0.39 -10.27
N ASP B 76 9.52 0.56 -8.96
CA ASP B 76 10.04 -0.41 -7.98
C ASP B 76 8.97 -1.06 -7.10
N GLY B 77 7.76 -1.19 -7.61
CA GLY B 77 6.66 -1.77 -6.83
C GLY B 77 6.13 -0.82 -5.77
N PRO B 78 5.36 -1.35 -4.79
CA PRO B 78 4.85 -0.58 -3.65
C PRO B 78 5.94 0.19 -2.88
N SER B 79 5.65 1.45 -2.56
CA SER B 79 6.60 2.39 -1.93
C SER B 79 7.75 2.77 -2.86
N GLY B 80 8.55 3.75 -2.43
CA GLY B 80 9.76 4.15 -3.14
C GLY B 80 9.55 5.24 -4.17
N LEU B 81 9.72 4.88 -5.44
CA LEU B 81 9.50 5.82 -6.54
C LEU B 81 8.00 5.84 -6.75
N LEU B 82 7.42 7.04 -6.78
CA LEU B 82 5.97 7.21 -6.93
C LEU B 82 5.63 7.47 -8.39
N ALA B 83 6.47 8.25 -9.04
CA ALA B 83 6.19 8.77 -10.36
C ALA B 83 7.45 9.41 -10.89
N HIS B 84 7.48 9.68 -12.19
CA HIS B 84 8.50 10.54 -12.78
C HIS B 84 7.98 11.22 -14.03
N ALA B 85 8.71 12.24 -14.48
CA ALA B 85 8.27 13.07 -15.58
C ALA B 85 9.49 13.57 -16.34
N PHE B 86 9.37 13.75 -17.65
CA PHE B 86 10.48 14.20 -18.49
C PHE B 86 10.34 15.69 -18.79
N PRO B 87 11.48 16.42 -18.86
CA PRO B 87 11.41 17.85 -19.11
C PRO B 87 10.93 18.16 -20.52
N PRO B 88 10.61 19.44 -20.79
CA PRO B 88 10.20 19.89 -22.12
C PRO B 88 11.09 19.39 -23.26
N GLY B 89 10.47 18.96 -24.34
CA GLY B 89 11.19 18.46 -25.49
C GLY B 89 10.32 17.61 -26.39
N PRO B 90 10.89 17.16 -27.53
CA PRO B 90 10.18 16.28 -28.44
C PRO B 90 10.14 14.86 -27.89
N ASN B 91 9.44 13.99 -28.61
CA ASN B 91 9.36 12.57 -28.27
C ASN B 91 8.74 12.35 -26.89
N TYR B 92 9.56 11.96 -25.91
CA TYR B 92 9.10 11.70 -24.54
C TYR B 92 9.01 12.96 -23.67
N GLY B 93 9.53 14.08 -24.16
CA GLY B 93 9.43 15.36 -23.45
C GLY B 93 8.04 15.63 -22.91
N GLY B 94 7.97 16.05 -21.65
CA GLY B 94 6.71 16.40 -20.99
C GLY B 94 6.00 15.24 -20.31
N ASP B 95 6.31 14.01 -20.70
CA ASP B 95 5.54 12.85 -20.28
C ASP B 95 5.67 12.60 -18.79
N ALA B 96 4.61 12.07 -18.20
CA ALA B 96 4.52 11.84 -16.78
C ALA B 96 3.99 10.43 -16.55
N HIS B 97 4.74 9.63 -15.78
CA HIS B 97 4.39 8.25 -15.50
C HIS B 97 4.18 8.08 -14.00
N PHE B 98 3.16 7.29 -13.65
CA PHE B 98 2.75 7.04 -12.28
C PHE B 98 2.80 5.54 -11.97
N ASP B 99 3.42 5.21 -10.84
CA ASP B 99 3.62 3.84 -10.46
C ASP B 99 2.32 3.21 -9.96
N ASP B 100 1.71 2.35 -10.78
CA ASP B 100 0.41 1.78 -10.44
C ASP B 100 0.49 0.65 -9.39
N ASP B 101 1.66 0.47 -8.78
CA ASP B 101 1.80 -0.33 -7.58
C ASP B 101 1.70 0.54 -6.31
N GLU B 102 1.56 1.85 -6.49
CA GLU B 102 1.18 2.71 -5.37
C GLU B 102 -0.34 2.71 -5.23
N THR B 103 -0.82 3.15 -4.08
CA THR B 103 -2.25 3.35 -3.84
C THR B 103 -2.54 4.84 -4.07
N TRP B 104 -3.31 5.12 -5.12
CA TRP B 104 -3.70 6.49 -5.45
C TRP B 104 -5.04 6.85 -4.80
N THR B 105 -5.09 8.04 -4.21
CA THR B 105 -6.24 8.54 -3.46
C THR B 105 -6.43 10.04 -3.69
N SER B 106 -7.42 10.59 -3.00
CA SER B 106 -7.65 12.03 -2.86
C SER B 106 -7.56 12.43 -1.38
N SER B 107 -6.63 11.86 -0.63
CA SER B 107 -6.58 12.01 0.83
C SER B 107 -5.18 11.80 1.41
N SER B 108 -5.09 11.69 2.73
CA SER B 108 -3.81 11.40 3.40
C SER B 108 -3.42 9.90 3.33
N LYS B 109 -4.33 9.07 2.85
CA LYS B 109 -4.03 7.68 2.57
C LYS B 109 -3.20 7.54 1.28
N GLY B 110 -2.27 6.60 1.26
CA GLY B 110 -1.40 6.39 0.12
C GLY B 110 -0.85 7.70 -0.40
N TYR B 111 -0.88 7.87 -1.72
CA TYR B 111 -0.42 9.10 -2.34
C TYR B 111 -1.57 9.80 -3.02
N ASN B 112 -1.75 11.08 -2.67
CA ASN B 112 -2.77 11.91 -3.30
C ASN B 112 -2.34 12.15 -4.74
N LEU B 113 -3.13 11.65 -5.68
CA LEU B 113 -2.82 11.77 -7.12
C LEU B 113 -2.75 13.22 -7.59
N PHE B 114 -3.68 14.05 -7.14
CA PHE B 114 -3.61 15.48 -7.50
C PHE B 114 -2.25 16.09 -7.12
N LEU B 115 -1.80 15.80 -5.91
CA LEU B 115 -0.59 16.41 -5.37
C LEU B 115 0.66 15.94 -6.10
N VAL B 116 0.73 14.64 -6.37
CA VAL B 116 1.86 14.05 -7.06
C VAL B 116 1.90 14.50 -8.52
N ALA B 117 0.73 14.56 -9.17
CA ALA B 117 0.63 15.07 -10.54
C ALA B 117 1.05 16.54 -10.63
N ALA B 118 0.62 17.38 -9.70
CA ALA B 118 1.05 18.79 -9.68
C ALA B 118 2.57 18.88 -9.63
N HIS B 119 3.19 18.04 -8.81
CA HIS B 119 4.64 17.94 -8.72
C HIS B 119 5.27 17.50 -10.04
N GLU B 120 4.78 16.40 -10.59
CA GLU B 120 5.35 15.85 -11.81
C GLU B 120 5.15 16.78 -13.02
N PHE B 121 4.03 17.49 -13.08
CA PHE B 121 3.82 18.46 -14.17
C PHE B 121 4.79 19.66 -14.06
N GLY B 122 5.19 20.01 -12.84
CA GLY B 122 6.29 20.93 -12.63
C GLY B 122 7.51 20.51 -13.46
N HIS B 123 7.89 19.23 -13.35
CA HIS B 123 9.00 18.68 -14.14
C HIS B 123 8.72 18.72 -15.64
N SER B 124 7.49 18.35 -16.02
CA SER B 124 7.04 18.43 -17.41
C SER B 124 7.16 19.84 -18.02
N LEU B 125 7.15 20.86 -17.19
CA LEU B 125 7.22 22.25 -17.61
C LEU B 125 8.61 22.87 -17.47
N GLY B 126 9.53 22.15 -16.83
CA GLY B 126 10.92 22.61 -16.74
C GLY B 126 11.49 22.83 -15.34
N LEU B 127 10.70 22.57 -14.31
CA LEU B 127 11.19 22.74 -12.95
C LEU B 127 11.96 21.50 -12.52
N ASP B 128 13.16 21.71 -11.97
CA ASP B 128 13.84 20.67 -11.24
C ASP B 128 13.36 20.78 -9.79
N HIS B 129 13.92 19.94 -8.92
CA HIS B 129 13.59 19.95 -7.51
C HIS B 129 14.06 21.20 -6.79
N SER B 130 13.32 21.54 -5.74
CA SER B 130 13.65 22.67 -4.89
C SER B 130 14.39 22.17 -3.65
N LYS B 131 15.18 23.04 -3.04
CA LYS B 131 15.83 22.74 -1.76
C LYS B 131 14.95 23.16 -0.58
N ASP B 132 13.85 23.87 -0.87
CA ASP B 132 12.89 24.33 0.15
C ASP B 132 12.01 23.17 0.61
N PRO B 133 12.17 22.71 1.86
CA PRO B 133 11.38 21.56 2.34
C PRO B 133 9.85 21.71 2.28
N GLY B 134 9.34 22.94 2.29
CA GLY B 134 7.89 23.19 2.15
C GLY B 134 7.39 23.45 0.73
N ALA B 135 8.27 23.33 -0.25
CA ALA B 135 7.91 23.59 -1.65
C ALA B 135 7.25 22.37 -2.29
N LEU B 136 6.36 22.62 -3.27
CA LEU B 136 5.76 21.56 -4.05
C LEU B 136 6.81 20.69 -4.74
N MET B 137 7.90 21.33 -5.19
CA MET B 137 8.96 20.67 -5.93
C MET B 137 10.07 20.11 -5.05
N PHE B 138 9.88 20.13 -3.73
CA PHE B 138 10.75 19.38 -2.85
C PHE B 138 10.59 17.89 -3.23
N PRO B 139 11.71 17.12 -3.26
CA PRO B 139 11.61 15.75 -3.74
C PRO B 139 10.89 14.75 -2.81
N ILE B 140 10.77 15.09 -1.53
CA ILE B 140 10.19 14.20 -0.53
C ILE B 140 8.73 14.58 -0.28
N TYR B 141 7.84 13.64 -0.59
CA TYR B 141 6.39 13.76 -0.35
C TYR B 141 6.12 14.06 1.11
N THR B 142 5.44 15.18 1.37
CA THR B 142 5.29 15.68 2.73
C THR B 142 3.91 16.36 2.87
N TYR B 143 2.93 15.50 3.13
CA TYR B 143 1.52 15.88 3.25
C TYR B 143 1.28 16.76 4.47
N THR B 144 0.75 17.96 4.25
CA THR B 144 0.54 18.95 5.32
C THR B 144 -0.83 18.78 5.99
N GLY B 145 -1.76 18.15 5.28
CA GLY B 145 -3.11 17.94 5.79
C GLY B 145 -3.92 19.21 5.91
N LYS B 146 -3.56 20.23 5.13
CA LYS B 146 -4.29 21.50 5.12
C LYS B 146 -5.63 21.31 4.41
N SER B 147 -6.59 22.14 4.77
CA SER B 147 -7.92 22.09 4.18
C SER B 147 -7.88 22.37 2.67
N HIS B 148 -7.04 23.32 2.27
CA HIS B 148 -6.96 23.78 0.89
C HIS B 148 -5.52 23.70 0.36
N PHE B 149 -5.39 23.60 -0.97
CA PHE B 149 -4.08 23.67 -1.61
C PHE B 149 -3.75 25.09 -2.02
N MET B 150 -2.54 25.53 -1.66
CA MET B 150 -1.98 26.79 -2.14
C MET B 150 -0.56 26.51 -2.64
N LEU B 151 -0.28 26.89 -3.89
CA LEU B 151 1.06 26.72 -4.46
C LEU B 151 2.05 27.62 -3.69
N PRO B 152 3.07 27.02 -3.05
CA PRO B 152 4.04 27.85 -2.32
C PRO B 152 4.76 28.87 -3.22
N ASP B 153 5.26 29.95 -2.61
CA ASP B 153 5.90 31.05 -3.34
C ASP B 153 7.14 30.57 -4.11
N ASP B 154 7.91 29.69 -3.48
CA ASP B 154 9.07 29.07 -4.13
C ASP B 154 8.74 28.52 -5.51
N ASP B 155 7.66 27.76 -5.60
CA ASP B 155 7.24 27.17 -6.87
C ASP B 155 6.65 28.22 -7.83
N VAL B 156 5.97 29.22 -7.27
CA VAL B 156 5.42 30.33 -8.06
C VAL B 156 6.55 31.08 -8.76
N GLN B 157 7.59 31.43 -8.02
CA GLN B 157 8.77 32.11 -8.57
C GLN B 157 9.50 31.28 -9.62
N GLY B 158 9.62 29.98 -9.37
CA GLY B 158 10.25 29.08 -10.32
C GLY B 158 9.56 29.03 -11.69
N ILE B 159 8.26 28.78 -11.68
CA ILE B 159 7.53 28.63 -12.93
C ILE B 159 7.41 29.97 -13.65
N GLN B 160 7.26 31.05 -12.88
CA GLN B 160 7.18 32.40 -13.47
C GLN B 160 8.51 32.86 -14.09
N SER B 161 9.64 32.43 -13.56
CA SER B 161 10.93 32.73 -14.20
C SER B 161 11.06 32.02 -15.56
N LEU B 162 10.31 30.94 -15.78
CA LEU B 162 10.29 30.29 -17.08
C LEU B 162 9.25 30.88 -18.04
N TYR B 163 8.04 31.13 -17.55
CA TYR B 163 6.90 31.47 -18.41
C TYR B 163 6.33 32.84 -18.15
ZN ZN C . 1.09 -15.76 4.25
ZN ZN D . 7.52 -8.20 11.84
CA CA E . 1.59 -3.09 3.38
CA CA F . 6.60 -15.83 21.24
CA CA G . -4.32 1.86 10.17
C1 3EJ H . -14.89 -12.65 6.48
C2 3EJ H . -16.02 -12.70 7.28
C3 3EJ H . -17.17 -13.30 6.80
C4 3EJ H . -17.19 -13.84 5.54
C5 3EJ H . -16.07 -13.80 4.74
C6 3EJ H . -14.92 -13.21 5.21
C7 3EJ H . -16.03 -12.13 8.64
O8 3EJ H . -15.39 -11.07 8.82
O9 3EJ H . -16.68 -12.77 9.51
C10 3EJ H . -16.18 -14.42 3.37
N11 3EJ H . -14.88 -14.58 2.75
N12 3EJ H . -14.39 -13.59 2.00
N13 3EJ H . -13.22 -14.06 1.61
C14 3EJ H . -13.07 -15.31 2.16
N15 3EJ H . -14.12 -15.67 2.91
C16 3EJ H . -11.86 -16.07 1.97
C17 3EJ H . -10.71 -15.42 1.61
C18 3EJ H . -9.54 -16.14 1.49
N19 3EJ H . -9.44 -17.45 1.72
C20 3EJ H . -10.59 -18.06 2.07
C21 3EJ H . -11.80 -17.43 2.21
C22 3EJ H . -8.31 -15.40 1.12
N23 3EJ H . -7.16 -16.14 1.26
C24 3EJ H . -5.86 -15.57 0.99
C25 3EJ H . -5.37 -14.61 2.03
O26 3EJ H . -8.35 -14.22 0.78
C27 3EJ H . -6.15 -14.22 3.11
C28 3EJ H . -5.67 -13.33 4.04
C29 3EJ H . -4.40 -12.80 3.91
C30 3EJ H . -3.63 -13.20 2.83
C31 3EJ H . -4.10 -14.09 1.90
F32 3EJ H . -2.40 -12.72 2.70
ZN ZN I . 10.23 15.26 -8.48
ZN ZN J . 8.50 5.98 -17.00
CA CA K . 7.07 2.49 -6.16
CA CA L . 5.37 13.73 -25.31
CA CA M . -2.60 0.01 -5.31
C1 3EJ N . -4.37 18.11 -1.58
C2 3EJ N . -5.65 18.60 -1.72
C3 3EJ N . -6.08 19.62 -0.90
C4 3EJ N . -5.26 20.15 0.06
C5 3EJ N . -3.98 19.67 0.22
C6 3EJ N . -3.55 18.65 -0.60
C7 3EJ N . -6.56 18.07 -2.74
O8 3EJ N . -6.49 16.84 -3.05
O9 3EJ N . -7.37 18.92 -3.19
C10 3EJ N . -3.12 20.27 1.28
N11 3EJ N . -1.75 19.84 1.13
N12 3EJ N . -1.31 18.69 1.65
N13 3EJ N . -0.02 18.66 1.30
C14 3EJ N . 0.21 19.81 0.59
N15 3EJ N . -0.87 20.59 0.45
C16 3EJ N . 1.48 20.12 0.00
C17 3EJ N . 2.39 19.12 -0.19
C18 3EJ N . 3.60 19.45 -0.78
N19 3EJ N . 3.93 20.67 -1.21
C20 3EJ N . 2.99 21.61 -1.01
C21 3EJ N . 1.77 21.40 -0.42
C22 3EJ N . 4.56 18.37 -0.99
N23 3EJ N . 5.61 18.65 -1.82
C24 3EJ N . 6.58 17.64 -2.15
C25 3EJ N . 6.11 16.57 -3.10
O26 3EJ N . 4.36 17.28 -0.46
C27 3EJ N . 4.81 16.50 -3.57
C28 3EJ N . 4.42 15.50 -4.44
C29 3EJ N . 5.33 14.55 -4.86
C30 3EJ N . 6.62 14.63 -4.38
C31 3EJ N . 7.01 15.63 -3.51
F32 3EJ N . 7.53 13.73 -4.76
#